data_5EG4
#
_entry.id   5EG4
#
_cell.length_a   61.502
_cell.length_b   61.502
_cell.length_c   102.239
_cell.angle_alpha   90.00
_cell.angle_beta   90.00
_cell.angle_gamma   90.00
#
_symmetry.space_group_name_H-M   'P 41 21 2'
#
loop_
_entity.id
_entity.type
_entity.pdbx_description
1 polymer 'Cationic trypsin'
2 non-polymer 'CALCIUM ION'
3 non-polymer 'SULFATE ION'
4 non-polymer 'ACETATE ION'
5 non-polymer '(13S,16R)-N-(4-carbamimidoylbenzyl)-16-((N-cyclohexylsulfamoyl)amino)-3,9,15-trioxo-2,10,14-triaza-6(1,4)-piperazina-1, 11(1,4)-dibenzenacycloheptadecaphane-13-carboxamide'
6 water water
#
_entity_poly.entity_id   1
_entity_poly.type   'polypeptide(L)'
_entity_poly.pdbx_seq_one_letter_code
;IVGGYTCGANTVPYQVSLNSGYHFCGGSLINSQWVVSAAHCYKSGIQVRLGEDNINVVEGNEQFISASKSIVHPSYNSNT
LNNDIMLIKLKSAASLNSRVASISLPTSCASAGTQCLISGWGNTKSSGTSYPDVLKCLKAPILSDSSCKSAYPGQITSNM
FCAGYLEGGKDSCQGDSGGPVVCSGKLQGIVSWGSGCAQKNKPGVYTKVCNYVSWIKQTIASN
;
_entity_poly.pdbx_strand_id   A
#
loop_
_chem_comp.id
_chem_comp.type
_chem_comp.name
_chem_comp.formula
5N7 non-polymer '(13S,16R)-N-(4-carbamimidoylbenzyl)-16-((N-cyclohexylsulfamoyl)amino)-3,9,15-trioxo-2,10,14-triaza-6(1,4)-piperazina-1, 11(1,4)-dibenzenacycloheptadecaphane-13-carboxamide' 'C42 H56 N10 O6 S'
ACT non-polymer 'ACETATE ION' 'C2 H3 O2 -1'
CA non-polymer 'CALCIUM ION' 'Ca 2'
SO4 non-polymer 'SULFATE ION' 'O4 S -2'
#
# COMPACT_ATOMS: atom_id res chain seq x y z
N ILE A 1 -0.80 -10.56 -2.46
CA ILE A 1 -2.23 -10.58 -2.73
C ILE A 1 -2.70 -12.01 -2.85
N VAL A 2 -3.63 -12.43 -1.97
CA VAL A 2 -4.22 -13.77 -2.00
C VAL A 2 -5.56 -13.66 -2.71
N GLY A 3 -5.80 -14.58 -3.65
CA GLY A 3 -7.11 -14.62 -4.28
C GLY A 3 -7.36 -13.51 -5.27
N GLY A 4 -6.29 -12.89 -5.79
CA GLY A 4 -6.39 -11.82 -6.76
C GLY A 4 -6.18 -12.28 -8.19
N TYR A 5 -5.80 -11.33 -9.04
CA TYR A 5 -5.60 -11.59 -10.46
C TYR A 5 -4.44 -10.74 -10.96
N THR A 6 -3.91 -11.11 -12.12
CA THR A 6 -2.83 -10.36 -12.75
C THR A 6 -3.35 -9.01 -13.21
N CYS A 7 -2.76 -7.92 -12.69
CA CYS A 7 -3.25 -6.59 -13.00
C CYS A 7 -3.17 -6.29 -14.48
N GLY A 8 -2.05 -6.64 -15.10
CA GLY A 8 -1.69 -6.19 -16.44
C GLY A 8 -0.55 -5.18 -16.33
N ALA A 9 0.37 -5.24 -17.28
CA ALA A 9 1.59 -4.46 -17.21
C ALA A 9 1.30 -2.97 -17.14
N ASN A 10 1.78 -2.35 -16.06
CA ASN A 10 1.72 -0.90 -15.89
C ASN A 10 0.28 -0.37 -15.83
N THR A 11 -0.67 -1.23 -15.47
CA THR A 11 -2.06 -0.81 -15.29
C THR A 11 -2.33 -0.16 -13.94
N VAL A 12 -1.37 -0.20 -13.02
CA VAL A 12 -1.43 0.44 -11.71
C VAL A 12 -0.20 1.33 -11.66
N PRO A 13 -0.20 2.46 -12.40
CA PRO A 13 1.08 3.15 -12.68
C PRO A 13 1.65 3.91 -11.50
N TYR A 14 0.88 4.04 -10.42
CA TYR A 14 1.35 4.63 -9.18
C TYR A 14 1.98 3.62 -8.23
N GLN A 15 1.84 2.31 -8.52
CA GLN A 15 2.43 1.27 -7.69
C GLN A 15 3.95 1.25 -7.84
N VAL A 16 4.66 1.35 -6.71
CA VAL A 16 6.10 1.19 -6.70
C VAL A 16 6.47 -0.01 -5.84
N SER A 17 7.68 -0.50 -6.07
CA SER A 17 8.30 -1.53 -5.25
C SER A 17 9.45 -0.88 -4.49
N LEU A 18 9.51 -1.14 -3.19
CA LEU A 18 10.64 -0.76 -2.37
C LEU A 18 11.61 -1.92 -2.30
N ASN A 19 12.86 -1.63 -2.62
CA ASN A 19 13.86 -2.66 -2.84
C ASN A 19 15.08 -2.36 -1.99
N SER A 20 15.54 -3.39 -1.29
CA SER A 20 16.77 -3.34 -0.50
C SER A 20 17.67 -4.51 -0.89
N GLY A 21 17.88 -4.68 -2.21
CA GLY A 21 18.48 -5.88 -2.75
C GLY A 21 17.46 -6.91 -3.20
N TYR A 22 16.21 -6.74 -2.77
CA TYR A 22 15.07 -7.57 -3.08
C TYR A 22 13.84 -6.75 -2.75
N HIS A 23 12.72 -7.09 -3.38
CA HIS A 23 11.46 -6.44 -3.06
C HIS A 23 11.05 -6.77 -1.63
N PHE A 24 10.68 -5.75 -0.85
CA PHE A 24 10.23 -6.02 0.51
C PHE A 24 8.95 -5.29 0.90
N CYS A 25 8.51 -4.29 0.15
CA CYS A 25 7.30 -3.57 0.48
C CYS A 25 6.85 -2.84 -0.77
N GLY A 26 5.58 -2.46 -0.80
CA GLY A 26 5.05 -1.55 -1.81
C GLY A 26 5.03 -0.10 -1.34
N GLY A 27 4.59 0.75 -2.26
CA GLY A 27 4.34 2.17 -2.02
C GLY A 27 3.50 2.72 -3.16
N SER A 28 3.11 3.98 -2.99
CA SER A 28 2.29 4.70 -3.96
C SER A 28 2.92 6.04 -4.30
N LEU A 29 3.13 6.28 -5.59
CA LEU A 29 3.65 7.56 -6.05
C LEU A 29 2.58 8.63 -5.97
N ILE A 30 2.85 9.72 -5.24
CA ILE A 30 1.86 10.79 -5.08
C ILE A 30 2.24 12.09 -5.79
N ASN A 31 3.50 12.27 -6.15
CA ASN A 31 3.93 13.27 -7.13
C ASN A 31 5.27 12.80 -7.65
N SER A 32 5.92 13.61 -8.48
CA SER A 32 7.12 13.11 -9.10
C SER A 32 8.26 12.89 -8.11
N GLN A 33 8.16 13.42 -6.89
CA GLN A 33 9.26 13.32 -5.95
C GLN A 33 8.95 12.52 -4.69
N TRP A 34 7.71 12.07 -4.51
CA TRP A 34 7.30 11.54 -3.22
C TRP A 34 6.45 10.28 -3.35
N VAL A 35 6.74 9.33 -2.44
CA VAL A 35 6.03 8.06 -2.32
C VAL A 35 5.43 7.95 -0.92
N VAL A 36 4.19 7.45 -0.84
CA VAL A 36 3.56 7.08 0.43
C VAL A 36 3.75 5.57 0.63
N SER A 37 4.17 5.20 1.84
CA SER A 37 4.28 3.78 2.21
C SER A 37 3.89 3.64 3.68
N ALA A 38 4.12 2.45 4.24
CA ALA A 38 3.81 2.18 5.64
C ALA A 38 5.04 2.47 6.49
N ALA A 39 4.81 3.04 7.67
CA ALA A 39 5.88 3.23 8.66
C ALA A 39 6.59 1.93 8.97
N HIS A 40 5.86 0.81 9.01
CA HIS A 40 6.50 -0.45 9.37
C HIS A 40 7.39 -0.98 8.27
N CYS A 41 7.38 -0.34 7.09
CA CYS A 41 8.31 -0.67 6.01
C CYS A 41 9.62 0.10 6.08
N TYR A 42 9.84 0.95 7.09
CA TYR A 42 11.08 1.72 7.11
C TYR A 42 12.29 0.81 7.13
N LYS A 43 13.29 1.17 6.31
CA LYS A 43 14.61 0.60 6.27
C LYS A 43 15.55 1.67 5.75
N SER A 44 16.81 1.56 6.10
CA SER A 44 17.79 2.43 5.44
C SER A 44 18.12 1.87 4.04
N GLY A 45 18.57 2.76 3.17
CA GLY A 45 19.04 2.35 1.85
C GLY A 45 17.97 1.84 0.90
N ILE A 46 16.76 2.37 0.99
CA ILE A 46 15.70 1.95 0.09
C ILE A 46 15.95 2.47 -1.32
N GLN A 47 15.76 1.60 -2.30
CA GLN A 47 15.69 1.99 -3.71
C GLN A 47 14.25 1.82 -4.15
N VAL A 48 13.69 2.87 -4.73
CA VAL A 48 12.32 2.83 -5.22
C VAL A 48 12.35 2.41 -6.68
N ARG A 49 11.52 1.43 -7.03
CA ARG A 49 11.43 0.93 -8.39
C ARG A 49 10.04 1.23 -8.94
N LEU A 50 10.01 2.10 -9.96
CA LEU A 50 8.80 2.57 -10.60
C LEU A 50 8.71 1.94 -11.99
N GLY A 51 7.50 1.89 -12.53
CA GLY A 51 7.31 1.31 -13.84
C GLY A 51 7.45 -0.19 -13.91
N GLU A 52 7.36 -0.88 -12.79
CA GLU A 52 7.54 -2.32 -12.72
C GLU A 52 6.26 -3.08 -13.05
N ASP A 53 6.43 -4.17 -13.78
CA ASP A 53 5.40 -5.21 -13.79
C ASP A 53 6.01 -6.48 -13.25
N ASN A 54 6.78 -7.20 -14.05
CA ASN A 54 7.54 -8.33 -13.56
C ASN A 54 8.74 -7.77 -12.80
N ILE A 55 8.78 -7.99 -11.48
CA ILE A 55 9.87 -7.41 -10.68
C ILE A 55 11.17 -8.17 -10.82
N ASN A 56 11.16 -9.33 -11.47
CA ASN A 56 12.36 -10.13 -11.68
C ASN A 56 12.86 -10.11 -13.11
N VAL A 57 12.20 -9.37 -14.00
CA VAL A 57 12.60 -9.28 -15.40
C VAL A 57 12.63 -7.80 -15.77
N VAL A 58 13.70 -7.40 -16.44
CA VAL A 58 13.84 -6.02 -16.92
C VAL A 58 13.07 -5.90 -18.23
N GLU A 59 11.94 -5.18 -18.19
CA GLU A 59 11.02 -5.09 -19.33
C GLU A 59 11.10 -3.76 -20.07
N GLY A 60 11.87 -2.80 -19.59
CA GLY A 60 12.17 -1.60 -20.32
C GLY A 60 11.38 -0.37 -19.95
N ASN A 61 10.56 -0.41 -18.90
CA ASN A 61 9.86 0.77 -18.41
C ASN A 61 10.24 1.12 -16.98
N GLU A 62 11.24 0.46 -16.41
CA GLU A 62 11.64 0.68 -15.03
C GLU A 62 12.35 2.02 -14.85
N GLN A 63 12.13 2.62 -13.67
CA GLN A 63 12.99 3.69 -13.18
C GLN A 63 13.43 3.28 -11.78
N PHE A 64 14.74 3.25 -11.55
CA PHE A 64 15.31 2.87 -10.25
C PHE A 64 15.85 4.15 -9.63
N ILE A 65 15.27 4.59 -8.52
CA ILE A 65 15.65 5.84 -7.88
C ILE A 65 15.80 5.62 -6.38
N SER A 66 16.97 5.97 -5.85
CA SER A 66 17.19 5.83 -4.43
C SER A 66 16.30 6.79 -3.66
N ALA A 67 15.88 6.36 -2.48
CA ALA A 67 15.28 7.30 -1.54
C ALA A 67 16.37 8.24 -1.02
N SER A 68 16.08 9.53 -1.02
CA SER A 68 16.99 10.49 -0.40
C SER A 68 16.63 10.77 1.06
N LYS A 69 15.36 10.60 1.42
CA LYS A 69 14.99 10.70 2.83
C LYS A 69 13.67 9.97 3.04
N SER A 70 13.45 9.56 4.29
CA SER A 70 12.17 9.02 4.71
C SER A 70 11.70 9.79 5.92
N ILE A 71 10.40 10.07 5.96
CA ILE A 71 9.77 10.70 7.11
C ILE A 71 8.68 9.77 7.59
N VAL A 72 8.94 9.12 8.72
CA VAL A 72 7.97 8.23 9.34
C VAL A 72 7.06 9.08 10.20
N HIS A 73 5.78 8.83 10.16
CA HIS A 73 4.89 9.65 10.97
C HIS A 73 5.39 9.69 12.41
N PRO A 74 5.48 10.88 13.02
CA PRO A 74 6.07 10.95 14.38
C PRO A 74 5.25 10.23 15.43
N SER A 75 3.97 9.96 15.17
CA SER A 75 3.11 9.31 16.14
C SER A 75 2.97 7.80 15.86
N TYR A 76 3.76 7.25 14.95
CA TYR A 76 3.70 5.82 14.70
C TYR A 76 4.02 5.03 15.97
N ASN A 77 3.21 4.00 16.22
CA ASN A 77 3.39 3.10 17.35
C ASN A 77 3.55 1.70 16.77
N SER A 78 4.74 1.10 16.94
CA SER A 78 5.02 -0.17 16.28
C SER A 78 4.41 -1.38 16.97
N ASN A 79 3.74 -1.20 18.11
CA ASN A 79 2.97 -2.27 18.74
C ASN A 79 1.54 -2.29 18.20
N THR A 80 0.85 -1.14 18.29
CA THR A 80 -0.53 -1.03 17.87
C THR A 80 -0.67 -0.84 16.37
N LEU A 81 0.41 -0.40 15.72
CA LEU A 81 0.44 -0.02 14.31
C LEU A 81 -0.41 1.21 14.01
N ASN A 82 -0.79 1.97 15.03
CA ASN A 82 -1.43 3.24 14.80
C ASN A 82 -0.49 4.21 14.08
N ASN A 83 -1.03 4.91 13.10
CA ASN A 83 -0.26 5.89 12.32
C ASN A 83 0.80 5.19 11.46
N ASP A 84 0.41 4.10 10.79
CA ASP A 84 1.36 3.30 10.01
C ASP A 84 1.51 3.90 8.61
N ILE A 85 2.24 5.01 8.56
CA ILE A 85 2.43 5.76 7.33
C ILE A 85 3.81 6.41 7.36
N MET A 86 4.44 6.42 6.18
CA MET A 86 5.74 7.03 5.96
C MET A 86 5.78 7.67 4.58
N LEU A 87 6.56 8.74 4.47
CA LEU A 87 6.77 9.43 3.20
C LEU A 87 8.22 9.25 2.78
N ILE A 88 8.43 8.90 1.51
CA ILE A 88 9.76 8.70 0.95
C ILE A 88 9.98 9.74 -0.13
N LYS A 89 11.06 10.50 -0.02
CA LYS A 89 11.44 11.43 -1.06
C LYS A 89 12.46 10.77 -1.98
N LEU A 90 12.25 10.92 -3.29
CA LEU A 90 13.14 10.39 -4.30
C LEU A 90 14.33 11.29 -4.54
N LYS A 91 15.49 10.68 -4.77
CA LYS A 91 16.73 11.43 -4.96
C LYS A 91 16.65 12.35 -6.17
N SER A 92 15.99 11.91 -7.23
CA SER A 92 15.65 12.71 -8.38
C SER A 92 14.22 12.40 -8.75
N ALA A 93 13.60 13.30 -9.53
CA ALA A 93 12.18 13.16 -9.81
C ALA A 93 11.93 12.02 -10.79
N ALA A 94 10.88 11.26 -10.54
CA ALA A 94 10.43 10.29 -11.52
C ALA A 94 9.97 11.02 -12.77
N SER A 95 10.22 10.40 -13.92
CA SER A 95 9.67 10.86 -15.18
C SER A 95 8.26 10.28 -15.34
N LEU A 96 7.26 11.14 -15.39
CA LEU A 96 5.87 10.71 -15.43
C LEU A 96 5.42 10.50 -16.88
N ASN A 97 4.72 9.39 -17.09
CA ASN A 97 4.23 9.01 -18.40
C ASN A 97 3.00 8.12 -18.17
N SER A 98 2.52 7.46 -19.21
CA SER A 98 1.34 6.64 -19.00
C SER A 98 1.60 5.45 -18.08
N ARG A 99 2.85 5.02 -17.95
CA ARG A 99 3.20 3.86 -17.15
C ARG A 99 3.69 4.20 -15.75
N VAL A 100 4.03 5.47 -15.50
CA VAL A 100 4.52 5.91 -14.21
C VAL A 100 3.76 7.20 -13.93
N ALA A 101 2.81 7.15 -12.99
CA ALA A 101 1.87 8.23 -12.78
C ALA A 101 1.55 8.30 -11.30
N SER A 102 1.25 9.51 -10.83
CA SER A 102 0.87 9.72 -9.44
C SER A 102 -0.61 9.39 -9.23
N ILE A 103 -0.94 9.05 -7.98
CA ILE A 103 -2.31 8.84 -7.55
C ILE A 103 -2.73 9.99 -6.65
N SER A 104 -3.94 10.48 -6.85
CA SER A 104 -4.48 11.60 -6.09
C SER A 104 -4.72 11.19 -4.64
N LEU A 105 -4.50 12.14 -3.76
CA LEU A 105 -4.85 11.98 -2.38
C LEU A 105 -6.32 12.32 -2.18
N PRO A 106 -6.96 11.76 -1.17
CA PRO A 106 -8.39 12.03 -1.01
C PRO A 106 -8.67 13.45 -0.55
N THR A 107 -9.85 13.95 -0.93
CA THR A 107 -10.38 15.18 -0.36
C THR A 107 -11.43 14.90 0.70
N SER A 108 -11.88 13.64 0.80
CA SER A 108 -12.79 13.18 1.83
C SER A 108 -12.52 11.69 2.03
N CYS A 109 -12.96 11.18 3.17
CA CYS A 109 -12.84 9.77 3.48
C CYS A 109 -13.85 8.95 2.68
N ALA A 110 -13.53 7.70 2.41
CA ALA A 110 -14.41 6.80 1.68
C ALA A 110 -15.41 6.14 2.63
N SER A 111 -16.53 5.69 2.06
CA SER A 111 -17.59 5.10 2.87
C SER A 111 -17.59 3.58 2.76
N ALA A 112 -18.05 2.94 3.83
CA ALA A 112 -18.25 1.50 3.83
C ALA A 112 -19.02 1.07 2.59
N GLY A 113 -18.58 -0.01 1.97
CA GLY A 113 -19.22 -0.57 0.82
C GLY A 113 -18.55 -0.20 -0.50
N THR A 114 -17.70 0.81 -0.49
CA THR A 114 -17.02 1.20 -1.70
C THR A 114 -15.97 0.16 -2.09
N GLN A 115 -15.94 -0.22 -3.37
CA GLN A 115 -14.94 -1.12 -3.88
C GLN A 115 -13.64 -0.37 -4.08
N CYS A 116 -12.53 -1.02 -3.73
CA CYS A 116 -11.21 -0.46 -3.87
C CYS A 116 -10.31 -1.46 -4.60
N LEU A 117 -9.23 -0.94 -5.16
CA LEU A 117 -8.22 -1.75 -5.83
C LEU A 117 -6.98 -1.81 -4.94
N ILE A 118 -6.61 -3.02 -4.54
CA ILE A 118 -5.44 -3.28 -3.71
C ILE A 118 -4.47 -4.08 -4.56
N SER A 119 -3.20 -3.71 -4.51
CA SER A 119 -2.21 -4.31 -5.41
C SER A 119 -0.87 -4.52 -4.72
N GLY A 120 -0.10 -5.45 -5.26
CA GLY A 120 1.24 -5.67 -4.77
C GLY A 120 1.85 -6.96 -5.25
N TRP A 121 3.12 -7.13 -4.85
CA TRP A 121 3.94 -8.29 -5.16
C TRP A 121 4.14 -9.17 -3.93
N GLY A 122 3.26 -9.07 -2.94
CA GLY A 122 3.33 -9.88 -1.75
C GLY A 122 2.85 -11.30 -1.96
N ASN A 123 2.84 -12.04 -0.85
CA ASN A 123 2.50 -13.46 -0.84
C ASN A 123 1.11 -13.68 -1.43
N THR A 124 0.99 -14.70 -2.29
CA THR A 124 -0.28 -15.08 -2.90
C THR A 124 -0.90 -16.30 -2.27
N LYS A 125 -0.28 -16.87 -1.24
CA LYS A 125 -0.78 -18.08 -0.59
C LYS A 125 -1.23 -17.76 0.83
N SER A 126 -2.43 -18.21 1.17
CA SER A 126 -2.94 -18.05 2.53
C SER A 126 -2.25 -19.00 3.50
N SER A 127 -1.88 -20.20 3.04
CA SER A 127 -1.30 -21.23 3.89
C SER A 127 0.05 -21.63 3.31
N GLY A 128 0.99 -20.70 3.31
CA GLY A 128 2.31 -20.92 2.76
C GLY A 128 2.91 -19.60 2.33
N THR A 129 3.93 -19.69 1.47
CA THR A 129 4.67 -18.51 1.02
C THR A 129 4.95 -18.67 -0.46
N SER A 130 4.52 -17.69 -1.26
CA SER A 130 4.70 -17.73 -2.71
C SER A 130 4.64 -16.31 -3.24
N TYR A 131 5.73 -15.82 -3.80
CA TYR A 131 5.79 -14.45 -4.24
C TYR A 131 5.74 -14.37 -5.76
N PRO A 132 4.88 -13.53 -6.32
CA PRO A 132 4.69 -13.53 -7.77
C PRO A 132 5.77 -12.73 -8.48
N ASP A 133 5.85 -12.96 -9.79
CA ASP A 133 6.72 -12.16 -10.64
C ASP A 133 6.01 -10.86 -11.01
N VAL A 134 4.78 -10.96 -11.51
CA VAL A 134 4.05 -9.79 -11.99
C VAL A 134 3.11 -9.27 -10.89
N LEU A 135 2.71 -8.01 -11.08
CA LEU A 135 1.89 -7.35 -10.08
C LEU A 135 0.50 -7.97 -10.01
N LYS A 136 0.02 -8.19 -8.79
CA LYS A 136 -1.29 -8.76 -8.56
C LYS A 136 -2.24 -7.72 -7.99
N CYS A 137 -3.53 -7.90 -8.29
CA CYS A 137 -4.59 -6.97 -7.98
C CYS A 137 -5.75 -7.68 -7.32
N LEU A 138 -6.49 -6.96 -6.49
CA LEU A 138 -7.67 -7.46 -5.80
C LEU A 138 -8.68 -6.33 -5.69
N LYS A 139 -9.91 -6.58 -6.09
CA LYS A 139 -11.00 -5.69 -5.77
C LYS A 139 -11.60 -6.08 -4.42
N ALA A 140 -11.74 -5.10 -3.53
CA ALA A 140 -12.22 -5.42 -2.21
C ALA A 140 -12.98 -4.24 -1.64
N PRO A 141 -14.07 -4.48 -0.93
CA PRO A 141 -14.87 -3.38 -0.39
C PRO A 141 -14.40 -2.95 1.00
N ILE A 142 -14.55 -1.66 1.27
CA ILE A 142 -14.42 -1.16 2.63
C ILE A 142 -15.53 -1.75 3.48
N LEU A 143 -15.15 -2.29 4.64
CA LEU A 143 -16.10 -2.84 5.60
C LEU A 143 -16.48 -1.80 6.65
N SER A 144 -17.66 -1.97 7.23
CA SER A 144 -18.11 -1.06 8.28
C SER A 144 -17.16 -1.09 9.47
N ASP A 145 -17.03 0.06 10.12
CA ASP A 145 -16.23 0.13 11.34
C ASP A 145 -16.73 -0.88 12.37
N SER A 146 -18.04 -1.09 12.44
CA SER A 146 -18.58 -2.04 13.42
C SER A 146 -18.10 -3.46 13.12
N SER A 147 -18.15 -3.88 11.85
CA SER A 147 -17.70 -5.23 11.54
C SER A 147 -16.19 -5.34 11.70
N CYS A 148 -15.48 -4.24 11.43
CA CYS A 148 -14.03 -4.23 11.64
C CYS A 148 -13.70 -4.43 13.11
N LYS A 149 -14.35 -3.67 14.00
CA LYS A 149 -14.08 -3.84 15.41
C LYS A 149 -14.61 -5.18 15.94
N SER A 150 -15.68 -5.72 15.35
CA SER A 150 -16.15 -7.04 15.76
C SER A 150 -15.11 -8.12 15.44
N ALA A 151 -14.41 -7.97 14.31
CA ALA A 151 -13.36 -8.91 13.95
C ALA A 151 -12.12 -8.73 14.82
N TYR A 152 -11.82 -7.51 15.23
CA TYR A 152 -10.58 -7.18 15.93
C TYR A 152 -10.90 -6.37 17.18
N PRO A 153 -11.58 -6.96 18.18
CA PRO A 153 -12.04 -6.19 19.34
C PRO A 153 -10.88 -5.50 20.05
N GLY A 154 -11.03 -4.18 20.27
CA GLY A 154 -10.03 -3.37 20.95
C GLY A 154 -8.83 -2.99 20.12
N GLN A 155 -8.67 -3.51 18.91
CA GLN A 155 -7.45 -3.35 18.13
C GLN A 155 -7.53 -2.27 17.05
N ILE A 156 -8.70 -1.75 16.74
CA ILE A 156 -8.89 -0.84 15.62
C ILE A 156 -8.94 0.58 16.13
N THR A 157 -8.06 1.44 15.63
CA THR A 157 -8.06 2.85 15.95
C THR A 157 -8.79 3.65 14.87
N SER A 158 -9.02 4.93 15.15
CA SER A 158 -9.63 5.83 14.19
C SER A 158 -8.79 6.00 12.95
N ASN A 159 -7.52 5.61 12.99
CA ASN A 159 -6.63 5.74 11.84
C ASN A 159 -6.53 4.46 11.03
N MET A 160 -7.49 3.55 11.20
CA MET A 160 -7.51 2.27 10.51
C MET A 160 -8.91 2.00 9.97
N PHE A 161 -8.95 1.25 8.87
CA PHE A 161 -10.20 0.69 8.38
C PHE A 161 -9.93 -0.72 7.85
N CYS A 162 -10.98 -1.54 7.88
CA CYS A 162 -10.94 -2.88 7.32
C CYS A 162 -11.48 -2.87 5.90
N ALA A 163 -10.92 -3.74 5.07
CA ALA A 163 -11.42 -3.97 3.73
C ALA A 163 -11.16 -5.41 3.35
N GLY A 164 -12.05 -5.97 2.53
CA GLY A 164 -11.90 -7.35 2.12
C GLY A 164 -13.18 -8.13 2.30
N TYR A 165 -13.04 -9.38 2.71
CA TYR A 165 -14.14 -10.34 2.65
C TYR A 165 -14.11 -11.19 3.91
N LEU A 166 -15.20 -11.15 4.67
CA LEU A 166 -15.24 -11.93 5.90
C LEU A 166 -15.21 -13.43 5.63
N GLU A 167 -15.61 -13.86 4.43
CA GLU A 167 -15.61 -15.28 4.13
C GLU A 167 -14.20 -15.84 3.96
N GLY A 168 -13.18 -14.99 3.83
CA GLY A 168 -11.84 -15.45 3.57
C GLY A 168 -11.58 -15.69 2.09
N GLY A 169 -10.31 -15.94 1.77
CA GLY A 169 -9.90 -16.31 0.43
C GLY A 169 -9.34 -15.16 -0.39
N LYS A 170 -9.59 -13.91 0.00
CA LYS A 170 -9.20 -12.75 -0.80
C LYS A 170 -8.68 -11.66 0.13
N ASP A 171 -7.41 -11.29 0.01
CA ASP A 171 -6.81 -10.37 0.97
C ASP A 171 -5.46 -9.92 0.43
N SER A 172 -4.92 -8.86 1.03
CA SER A 172 -3.51 -8.55 0.89
C SER A 172 -2.72 -9.35 1.92
N CYS A 173 -1.39 -9.28 1.84
CA CYS A 173 -0.57 -10.14 2.68
C CYS A 173 0.84 -9.54 2.79
N GLN A 174 1.72 -10.26 3.47
N GLN A 174 1.71 -10.28 3.46
CA GLN A 174 3.07 -9.76 3.64
CA GLN A 174 3.11 -9.87 3.61
C GLN A 174 3.75 -9.57 2.28
C GLN A 174 3.72 -9.57 2.24
N GLY A 175 4.53 -8.50 2.19
CA GLY A 175 5.11 -8.05 0.96
C GLY A 175 4.24 -7.10 0.17
N ASP A 176 2.94 -7.06 0.46
CA ASP A 176 2.07 -6.00 -0.07
C ASP A 176 2.14 -4.75 0.79
N SER A 177 2.64 -4.88 2.01
CA SER A 177 2.71 -3.79 2.97
C SER A 177 3.21 -2.51 2.33
N GLY A 178 2.57 -1.41 2.71
CA GLY A 178 2.94 -0.10 2.22
C GLY A 178 2.32 0.28 0.91
N GLY A 179 1.75 -0.69 0.20
CA GLY A 179 1.16 -0.42 -1.10
C GLY A 179 -0.25 0.12 -1.00
N PRO A 180 -0.81 0.37 -2.18
CA PRO A 180 -2.04 1.17 -2.28
C PRO A 180 -3.33 0.41 -2.07
N VAL A 181 -4.27 1.11 -1.48
CA VAL A 181 -5.70 0.82 -1.56
C VAL A 181 -6.31 2.06 -2.18
N VAL A 182 -6.77 1.94 -3.43
CA VAL A 182 -7.30 3.07 -4.19
C VAL A 182 -8.80 2.87 -4.37
N CYS A 183 -9.57 3.88 -3.97
CA CYS A 183 -11.02 3.81 -4.01
C CYS A 183 -11.49 5.07 -4.72
N SER A 184 -12.28 4.89 -5.78
CA SER A 184 -12.85 6.03 -6.49
C SER A 184 -11.76 7.02 -6.92
N GLY A 185 -10.63 6.48 -7.37
CA GLY A 185 -9.55 7.30 -7.91
C GLY A 185 -8.64 7.93 -6.88
N LYS A 186 -8.82 7.63 -5.59
CA LYS A 186 -8.07 8.29 -4.53
C LYS A 186 -7.34 7.26 -3.69
N LEU A 187 -6.15 7.61 -3.21
CA LEU A 187 -5.41 6.72 -2.32
C LEU A 187 -6.04 6.81 -0.94
N GLN A 188 -6.88 5.82 -0.58
CA GLN A 188 -7.55 5.85 0.72
C GLN A 188 -6.88 4.97 1.75
N GLY A 189 -6.10 3.99 1.35
CA GLY A 189 -5.50 3.07 2.30
C GLY A 189 -4.08 2.72 1.95
N ILE A 190 -3.37 2.26 2.98
CA ILE A 190 -2.03 1.70 2.87
C ILE A 190 -2.11 0.30 3.48
N VAL A 191 -1.58 -0.70 2.77
CA VAL A 191 -1.54 -2.07 3.31
C VAL A 191 -0.75 -2.05 4.62
N SER A 192 -1.38 -2.49 5.72
CA SER A 192 -0.79 -2.34 7.04
C SER A 192 -0.71 -3.67 7.79
N TRP A 193 -1.84 -4.29 8.15
CA TRP A 193 -1.78 -5.48 8.99
C TRP A 193 -3.05 -6.32 8.85
N GLY A 194 -3.08 -7.42 9.60
CA GLY A 194 -4.20 -8.34 9.65
C GLY A 194 -3.77 -9.56 10.45
N SER A 195 -4.76 -10.37 10.83
CA SER A 195 -4.48 -11.65 11.50
C SER A 195 -4.38 -12.72 10.41
N GLY A 196 -3.16 -13.14 10.14
CA GLY A 196 -2.92 -13.96 8.97
C GLY A 196 -3.21 -13.20 7.69
N CYS A 197 -3.49 -13.95 6.63
CA CYS A 197 -3.92 -13.40 5.35
C CYS A 197 -5.08 -14.22 4.82
N ALA A 198 -6.15 -13.54 4.42
CA ALA A 198 -7.26 -14.18 3.74
C ALA A 198 -7.97 -15.20 4.62
N GLN A 199 -7.85 -15.07 5.95
CA GLN A 199 -8.54 -15.98 6.86
C GLN A 199 -9.98 -15.51 7.09
N LYS A 200 -10.85 -16.47 7.38
CA LYS A 200 -12.24 -16.18 7.68
C LYS A 200 -12.34 -15.22 8.87
N ASN A 201 -13.18 -14.21 8.73
CA ASN A 201 -13.50 -13.28 9.82
C ASN A 201 -12.31 -12.40 10.25
N LYS A 202 -11.24 -12.34 9.46
CA LYS A 202 -10.07 -11.53 9.77
C LYS A 202 -9.70 -10.75 8.51
N PRO A 203 -10.44 -9.69 8.21
CA PRO A 203 -10.15 -8.91 7.00
C PRO A 203 -8.87 -8.12 7.13
N GLY A 204 -8.41 -7.59 6.00
CA GLY A 204 -7.26 -6.69 6.02
C GLY A 204 -7.54 -5.39 6.74
N VAL A 205 -6.52 -4.90 7.46
CA VAL A 205 -6.56 -3.61 8.16
C VAL A 205 -5.58 -2.66 7.48
N TYR A 206 -6.08 -1.45 7.18
CA TYR A 206 -5.41 -0.49 6.33
C TYR A 206 -5.32 0.86 7.03
N THR A 207 -4.19 1.54 6.83
CA THR A 207 -4.03 2.89 7.34
C THR A 207 -4.98 3.81 6.59
N LYS A 208 -5.68 4.67 7.34
CA LYS A 208 -6.79 5.47 6.80
C LYS A 208 -6.19 6.78 6.32
N VAL A 209 -5.80 6.80 5.04
CA VAL A 209 -5.04 7.92 4.48
C VAL A 209 -5.78 9.26 4.59
N CYS A 210 -7.11 9.24 4.50
CA CYS A 210 -7.84 10.51 4.53
C CYS A 210 -7.56 11.31 5.80
N ASN A 211 -7.20 10.64 6.89
CA ASN A 211 -6.86 11.35 8.12
C ASN A 211 -5.54 12.11 8.01
N TYR A 212 -4.72 11.84 6.99
CA TYR A 212 -3.35 12.33 6.94
C TYR A 212 -3.09 13.31 5.82
N VAL A 213 -4.10 13.66 5.02
CA VAL A 213 -3.83 14.44 3.82
C VAL A 213 -3.15 15.76 4.14
N SER A 214 -3.64 16.51 5.15
CA SER A 214 -2.99 17.79 5.46
C SER A 214 -1.55 17.57 5.91
N TRP A 215 -1.31 16.53 6.73
CA TRP A 215 0.05 16.20 7.16
C TRP A 215 0.93 15.85 5.96
N ILE A 216 0.42 15.05 5.04
CA ILE A 216 1.20 14.71 3.86
C ILE A 216 1.56 15.96 3.08
N LYS A 217 0.57 16.78 2.76
CA LYS A 217 0.83 17.93 1.91
C LYS A 217 1.79 18.92 2.57
N GLN A 218 1.64 19.15 3.86
CA GLN A 218 2.55 20.08 4.54
C GLN A 218 3.95 19.49 4.66
N THR A 219 4.04 18.17 4.88
CA THR A 219 5.34 17.55 5.02
C THR A 219 6.09 17.56 3.69
N ILE A 220 5.43 17.22 2.59
CA ILE A 220 6.15 17.17 1.31
C ILE A 220 6.50 18.58 0.86
N ALA A 221 5.68 19.57 1.22
CA ALA A 221 5.99 20.97 0.86
C ALA A 221 7.20 21.48 1.61
N SER A 222 7.37 21.09 2.88
CA SER A 222 8.43 21.64 3.72
C SER A 222 9.74 20.88 3.62
N ASN A 223 9.77 19.71 3.01
CA ASN A 223 10.92 18.83 3.15
C ASN A 223 11.46 18.33 1.82
CA CA B . 10.85 -5.36 -14.20
S SO4 C . -1.16 4.85 20.02
O1 SO4 C . -1.44 3.47 19.57
O2 SO4 C . -2.29 5.35 20.79
O3 SO4 C . -0.94 5.66 18.83
O4 SO4 C . 0.06 4.94 20.83
C ACT D . 3.47 -14.78 -11.72
O ACT D . 2.30 -14.94 -12.08
OXT ACT D . 3.96 -13.67 -12.01
CH3 ACT D . 4.27 -15.81 -10.98
H1 ACT D . 3.65 -16.69 -10.83
H2 ACT D . 4.57 -15.40 -10.02
H3 ACT D . 5.15 -16.07 -11.57
C10 5N7 E . 3.24 -5.26 10.74
C11 5N7 E . 4.55 -5.87 11.15
C12 5N7 E . 5.48 -6.28 10.22
C13 5N7 E . 6.71 -6.79 10.60
C14 5N7 E . 7.03 -6.89 11.95
C15 5N7 E . 6.10 -6.50 12.90
C1 5N7 E . 2.44 -7.13 9.21
N1 5N7 E . -4.29 -7.94 4.85
O1 5N7 E . 9.57 -5.81 11.16
C2 5N7 E . 1.92 -7.42 6.83
N2 5N7 E . -4.14 -9.80 6.15
O2 5N7 E . 5.78 -7.11 17.73
C3 5N7 E . 0.50 -7.78 6.49
N3 5N7 E . 8.32 -7.27 12.38
O3 5N7 E . -1.24 -12.19 12.33
C4 5N7 E . -0.13 -7.29 5.34
N4 5N7 E . 10.51 -5.53 14.85
O4 5N7 E . 0.64 -11.69 13.85
C5 5N7 E . -1.44 -7.59 5.06
N5 5N7 E . 8.94 -5.19 17.11
O5 5N7 E . -0.04 -7.89 10.73
C6 5N7 E . -2.19 -8.41 5.92
N6 5N7 E . 4.59 -5.45 16.75
C7 5N7 E . -3.59 -8.73 5.62
N7 5N7 E . -0.24 -9.96 12.37
C8 5N7 E . -1.55 -8.90 7.06
N8 5N7 E . 1.06 -12.00 11.48
C9 5N7 E . -0.24 -8.59 7.34
N9 5N7 E . 1.90 -7.16 11.59
C16 5N7 E . 4.87 -5.99 12.50
C17 5N7 E . 9.49 -6.67 12.04
C18 5N7 E . 10.67 -7.09 12.86
C19 5N7 E . 11.25 -5.88 13.58
C20 5N7 E . 9.30 -4.67 14.68
C21 5N7 E . 8.28 -5.02 15.80
C22 5N7 E . 7.97 -5.40 18.21
C23 5N7 E . 6.56 -4.87 17.98
C24 5N7 E . 5.63 -5.92 17.46
C25 5N7 E . 3.65 -6.17 15.98
C26 5N7 E . 3.79 -7.51 15.66
C27 5N7 E . 2.76 -8.18 15.01
C28 5N7 E . 1.57 -7.54 14.70
C29 5N7 E . 1.44 -6.20 15.04
C30 5N7 E . 2.46 -5.51 15.66
C31 5N7 E . 0.42 -8.30 14.06
C32 5N7 E . 0.77 -8.97 12.73
C33 5N7 E . 0.84 -12.08 10.02
C34 5N7 E . 1.98 -11.40 9.28
C35 5N7 E . 1.84 -11.55 7.77
C36 5N7 E . 1.72 -13.01 7.36
C37 5N7 E . 0.57 -13.67 8.09
C38 5N7 E . 0.72 -13.54 9.61
C39 5N7 E . 0.84 -7.96 11.59
C40 5N7 E . 9.87 -6.31 17.05
C41 5N7 E . 10.14 -6.75 15.63
C 5N7 E . 2.14 -6.29 10.45
N 5N7 E . 1.97 -6.64 8.07
O 5N7 E . 3.02 -8.21 9.31
S 5N7 E . 0.01 -11.53 12.58
#